data_4OON
#
_entry.id   4OON
#
_cell.length_a   113.770
_cell.length_b   113.770
_cell.length_c   123.460
_cell.angle_alpha   90.00
_cell.angle_beta   90.00
_cell.angle_gamma   90.00
#
_symmetry.space_group_name_H-M   'P 41 21 2'
#
loop_
_entity.id
_entity.type
_entity.pdbx_description
1 polymer 'Penicillin-binding protein 1A'
2 non-polymer '(4Z,8S,11E,14S)-5-(2-amino-1,3-thiazol-4-yl)-14-(5,6-dihydroxy-1,3-dioxo-1,3-dihydro-2H-isoindol-2-yl)-8-formyl-2-methyl-6-oxo-3,10-dioxa-4,7,11-triazatetradeca-4,11-diene-2,12,14-tricarboxylic acid'
3 water water
#
_entity_poly.entity_id   1
_entity_poly.type   'polypeptide(L)'
_entity_poly.pdbx_seq_one_letter_code
;MSHHHHHHVEALRNVQLQIPLKVYSEDGKLISEFGEMRRTPIRFADIPQDFIHALLSAEDDNFANHYGVDVKSLMRAAAQ
LLKSGHIQTGGSTITMQVAKNYFLTNERSFSRKINEILLALQIERQLTKDEILELYVNKIYLGNRAYGIEAAAQVYYGKP
IKDLSLAEMAMIAGLPKAPSRYNPLVNPTRSTERRNWILERMLKLGFIDQQRYQAAVEEPINASYHVQTPELNAPYIAEM
ARAEMVGRYGSEAYTEGYKVITTVRSDLQNAASQSVRDGLIDYDQRHGYRGPETRLPGQTRDAWLKHLGQQRSIGGLEPA
IVTQVEKSGIMVMTRDGKEEAVTWDSMKWARPFLSNNSMGPMPRQPADVAQAGDQIRVQRQEDGTLRFVQIPAAQSALIS
LDPKDGAIRSLVGGFSFEQSNYNRAIQAKRQPGSSFKPFIYSAALDNGFTAASLVNDAPIVFVDEYLDKVWRPKNDTNTF
LGPIPLREALYKSRNMVSIRVLQGLGIERAISYITKFGFQRDELPRNFSLALGTATVTPMEIAGAWSVFANGGYKVNPYV
IERIESRDGQVLYQANPPRVPVEEQVAADAEDAGNPGDPEHPESAEGEGSIEAQQVAAKAQTTFEPTPAERIIDARTAYI
MTSMLQDVIKRGTGRRALALKRTDLAGKTGTTNDSKDGWFSGYNSDYVTSVWVGFDQPETLGRREYGGTVALPIWIRYMG
FALKDKPMHTMAEPPGIVSLRIDPVTGRSAAPGTPGAYFEMFKNEDTPPSVNELPPGSFPGSPLPDDEGAPIDLF
;
_entity_poly.pdbx_strand_id   A
#
# COMPACT_ATOMS: atom_id res chain seq x y z
N PRO A 20 -1.24 32.81 -8.48
CA PRO A 20 -1.92 31.49 -8.52
C PRO A 20 -0.93 30.30 -8.43
N LEU A 21 -0.90 29.62 -7.27
CA LEU A 21 -0.01 28.48 -6.98
C LEU A 21 -0.12 27.37 -8.01
N LYS A 22 1.01 26.98 -8.61
CA LYS A 22 1.05 25.94 -9.63
C LYS A 22 1.88 24.75 -9.12
N VAL A 23 1.26 23.58 -9.07
CA VAL A 23 1.91 22.38 -8.60
C VAL A 23 2.22 21.50 -9.78
N TYR A 24 3.50 21.19 -9.91
CA TYR A 24 4.08 20.40 -10.99
C TYR A 24 4.70 19.11 -10.47
N SER A 25 4.78 18.08 -11.34
CA SER A 25 5.41 16.79 -11.07
C SER A 25 6.90 16.89 -11.45
N GLU A 26 7.72 15.92 -11.02
CA GLU A 26 9.14 15.94 -11.33
C GLU A 26 9.31 16.06 -12.83
N ASP A 27 8.58 15.23 -13.62
CA ASP A 27 8.60 15.25 -15.09
C ASP A 27 8.05 16.51 -15.76
N GLY A 28 7.44 17.39 -14.96
CA GLY A 28 6.96 18.69 -15.43
C GLY A 28 5.48 18.83 -15.68
N LYS A 29 4.71 17.73 -15.52
CA LYS A 29 3.26 17.80 -15.74
C LYS A 29 2.56 18.63 -14.63
N LEU A 30 1.56 19.44 -15.02
CA LEU A 30 0.80 20.26 -14.07
C LEU A 30 -0.22 19.40 -13.33
N ILE A 31 -0.06 19.32 -12.01
CA ILE A 31 -0.95 18.54 -11.15
C ILE A 31 -2.21 19.34 -10.88
N SER A 32 -2.05 20.61 -10.42
CA SER A 32 -3.14 21.55 -10.15
C SER A 32 -2.64 22.97 -9.86
N GLU A 33 -3.58 23.89 -9.58
CA GLU A 33 -3.35 25.29 -9.27
C GLU A 33 -4.21 25.70 -8.08
N PHE A 34 -3.67 26.53 -7.19
CA PHE A 34 -4.42 27.03 -6.06
C PHE A 34 -4.36 28.55 -5.98
N GLY A 35 -5.53 29.16 -5.76
CA GLY A 35 -5.68 30.62 -5.66
C GLY A 35 -6.61 31.11 -4.56
N GLU A 36 -6.59 32.42 -4.32
CA GLU A 36 -7.40 33.07 -3.27
C GLU A 36 -8.27 34.17 -3.90
N MET A 37 -9.57 34.26 -3.55
CA MET A 37 -10.44 35.29 -4.11
C MET A 37 -10.48 36.58 -3.29
N THR A 229 -5.13 23.91 -17.15
CA THR A 229 -5.72 22.56 -17.14
C THR A 229 -4.72 21.48 -16.67
N PRO A 230 -5.07 20.68 -15.63
CA PRO A 230 -4.14 19.64 -15.16
C PRO A 230 -3.83 18.55 -16.19
N GLU A 231 -2.53 18.30 -16.38
CA GLU A 231 -2.00 17.30 -17.29
C GLU A 231 -1.97 15.98 -16.54
N LEU A 232 -1.74 16.04 -15.19
CA LEU A 232 -1.65 14.87 -14.32
C LEU A 232 -2.62 14.98 -13.18
N ASN A 233 -3.44 13.91 -12.92
CA ASN A 233 -4.38 13.89 -11.79
C ASN A 233 -3.76 13.30 -10.51
N ALA A 234 -3.32 14.18 -9.61
CA ALA A 234 -2.66 13.77 -8.36
C ALA A 234 -3.09 14.67 -7.15
N PRO A 235 -4.43 14.70 -6.88
CA PRO A 235 -4.99 15.56 -5.82
C PRO A 235 -4.46 15.42 -4.40
N TYR A 236 -4.13 14.19 -4.02
CA TYR A 236 -3.54 13.88 -2.73
C TYR A 236 -2.17 14.55 -2.66
N ILE A 237 -1.36 14.44 -3.74
CA ILE A 237 -0.05 15.10 -3.86
C ILE A 237 -0.21 16.61 -3.86
N ALA A 238 -1.19 17.09 -4.66
CA ALA A 238 -1.51 18.51 -4.82
C ALA A 238 -1.79 19.14 -3.47
N GLU A 239 -2.65 18.48 -2.70
CA GLU A 239 -3.00 18.97 -1.37
C GLU A 239 -1.79 19.05 -0.43
N MET A 240 -0.92 18.03 -0.47
CA MET A 240 0.28 17.96 0.36
C MET A 240 1.17 19.15 0.12
N ALA A 241 1.31 19.55 -1.17
CA ALA A 241 2.09 20.71 -1.61
C ALA A 241 1.41 21.98 -1.17
N ARG A 242 0.09 22.12 -1.42
CA ARG A 242 -0.65 23.33 -1.01
C ARG A 242 -0.46 23.63 0.48
N ALA A 243 -0.63 22.60 1.33
CA ALA A 243 -0.45 22.65 2.77
C ALA A 243 0.97 23.11 3.14
N GLU A 244 1.99 22.37 2.63
CA GLU A 244 3.41 22.66 2.86
C GLU A 244 3.78 24.09 2.50
N MET A 245 3.26 24.59 1.36
CA MET A 245 3.50 25.93 0.84
C MET A 245 2.96 26.98 1.75
N VAL A 246 1.76 26.73 2.32
CA VAL A 246 1.00 27.62 3.20
C VAL A 246 1.71 27.78 4.53
N GLY A 247 2.25 26.67 5.01
CA GLY A 247 3.06 26.67 6.22
C GLY A 247 4.31 27.51 6.01
N ARG A 248 4.87 27.47 4.77
CA ARG A 248 6.08 28.20 4.40
C ARG A 248 5.88 29.68 4.05
N TYR A 249 4.84 30.05 3.29
CA TYR A 249 4.64 31.43 2.83
C TYR A 249 3.38 32.15 3.34
N GLY A 250 2.43 31.38 3.85
CA GLY A 250 1.16 31.91 4.33
C GLY A 250 0.16 31.96 3.20
N SER A 251 -0.77 32.92 3.27
CA SER A 251 -1.81 33.08 2.24
C SER A 251 -1.19 33.64 0.98
N GLU A 252 0.01 34.26 1.14
CA GLU A 252 0.83 34.85 0.08
C GLU A 252 1.28 33.79 -0.95
N ALA A 253 1.22 32.50 -0.54
CA ALA A 253 1.51 31.33 -1.39
C ALA A 253 0.54 31.28 -2.61
N TYR A 254 -0.76 31.59 -2.39
CA TYR A 254 -1.77 31.57 -3.45
C TYR A 254 -1.69 32.75 -4.40
N THR A 255 -1.24 33.91 -3.90
CA THR A 255 -1.19 35.20 -4.62
C THR A 255 -0.02 35.27 -5.62
N GLU A 256 1.20 35.38 -5.08
CA GLU A 256 2.52 35.57 -5.69
C GLU A 256 2.92 34.80 -6.95
N GLY A 257 2.21 33.72 -7.28
CA GLY A 257 2.50 32.88 -8.43
C GLY A 257 3.80 32.10 -8.29
N TYR A 258 3.88 31.22 -7.26
CA TYR A 258 5.02 30.36 -6.96
C TYR A 258 4.86 29.08 -7.77
N LYS A 259 5.97 28.37 -8.01
CA LYS A 259 5.96 27.10 -8.75
C LYS A 259 6.51 25.95 -7.90
N VAL A 260 5.66 24.99 -7.51
CA VAL A 260 6.10 23.85 -6.71
C VAL A 260 6.39 22.63 -7.60
N ILE A 261 7.59 22.03 -7.43
CA ILE A 261 8.00 20.85 -8.18
C ILE A 261 8.09 19.72 -7.22
N THR A 262 7.22 18.74 -7.43
CA THR A 262 7.06 17.57 -6.58
C THR A 262 7.96 16.40 -6.94
N THR A 263 8.03 15.42 -6.04
CA THR A 263 8.84 14.21 -6.18
C THR A 263 8.19 13.17 -7.07
N VAL A 264 6.86 13.28 -7.28
CA VAL A 264 6.09 12.36 -8.12
C VAL A 264 6.44 12.43 -9.62
N ARG A 265 6.39 11.29 -10.28
CA ARG A 265 6.62 11.15 -11.70
C ARG A 265 5.25 10.80 -12.27
N SER A 266 4.83 11.47 -13.37
CA SER A 266 3.53 11.26 -14.00
C SER A 266 3.20 9.78 -14.30
N ASP A 267 4.09 9.05 -15.05
CA ASP A 267 3.92 7.62 -15.41
C ASP A 267 3.61 6.77 -14.21
N LEU A 268 4.44 6.91 -13.14
CA LEU A 268 4.32 6.18 -11.88
C LEU A 268 3.07 6.54 -11.13
N GLN A 269 2.71 7.85 -11.14
CA GLN A 269 1.52 8.34 -10.46
C GLN A 269 0.27 7.67 -11.01
N ASN A 270 0.10 7.65 -12.36
CA ASN A 270 -1.09 7.03 -12.97
C ASN A 270 -1.12 5.52 -12.78
N ALA A 271 0.08 4.87 -12.74
CA ALA A 271 0.20 3.44 -12.45
C ALA A 271 -0.43 3.19 -11.08
N ALA A 272 -0.03 3.99 -10.06
CA ALA A 272 -0.55 3.91 -8.69
C ALA A 272 -2.09 4.07 -8.72
N SER A 273 -2.57 5.23 -9.27
CA SER A 273 -3.98 5.60 -9.47
C SER A 273 -4.77 4.44 -10.04
N GLN A 274 -4.32 3.86 -11.18
CA GLN A 274 -4.96 2.72 -11.85
C GLN A 274 -4.99 1.53 -10.95
N SER A 275 -3.82 1.12 -10.41
CA SER A 275 -3.68 -0.04 -9.53
C SER A 275 -4.71 -0.08 -8.43
N VAL A 276 -4.78 1.01 -7.64
CA VAL A 276 -5.72 1.19 -6.53
C VAL A 276 -7.17 1.06 -7.03
N ARG A 277 -7.54 1.80 -8.11
CA ARG A 277 -8.90 1.76 -8.70
C ARG A 277 -9.30 0.35 -9.15
N ASP A 278 -8.49 -0.27 -10.03
CA ASP A 278 -8.71 -1.61 -10.52
C ASP A 278 -8.81 -2.60 -9.35
N GLY A 279 -7.90 -2.52 -8.40
CA GLY A 279 -7.84 -3.38 -7.22
C GLY A 279 -9.04 -3.23 -6.31
N LEU A 280 -9.55 -2.00 -6.18
CA LEU A 280 -10.72 -1.75 -5.34
C LEU A 280 -11.98 -2.25 -6.05
N ILE A 281 -12.08 -2.02 -7.36
CA ILE A 281 -13.16 -2.52 -8.20
C ILE A 281 -13.21 -4.11 -8.22
N ASP A 282 -12.02 -4.75 -8.39
CA ASP A 282 -11.93 -6.22 -8.41
C ASP A 282 -12.48 -6.79 -7.10
N TYR A 283 -12.04 -6.21 -5.97
CA TYR A 283 -12.52 -6.63 -4.67
C TYR A 283 -14.04 -6.39 -4.55
N ASP A 284 -14.52 -5.17 -4.91
CA ASP A 284 -15.93 -4.82 -4.79
C ASP A 284 -16.88 -5.81 -5.48
N GLN A 285 -16.59 -6.13 -6.75
CA GLN A 285 -17.41 -7.05 -7.55
C GLN A 285 -17.58 -8.46 -6.95
N ARG A 286 -16.50 -9.01 -6.31
CA ARG A 286 -16.41 -10.31 -5.61
C ARG A 286 -17.43 -10.36 -4.51
N HIS A 287 -17.87 -9.17 -4.01
CA HIS A 287 -18.82 -9.05 -2.90
C HIS A 287 -20.23 -8.68 -3.25
N GLY A 288 -20.51 -8.48 -4.54
CA GLY A 288 -21.84 -8.18 -5.05
C GLY A 288 -22.19 -6.72 -5.21
N TYR A 289 -23.42 -6.46 -5.69
CA TYR A 289 -23.97 -5.12 -5.97
C TYR A 289 -24.79 -4.65 -4.84
N ARG A 290 -24.62 -3.38 -4.51
CA ARG A 290 -25.31 -2.70 -3.42
C ARG A 290 -26.37 -1.70 -3.92
N GLY A 291 -26.76 -1.89 -5.19
CA GLY A 291 -27.83 -1.15 -5.82
C GLY A 291 -27.47 0.16 -6.47
N PRO A 292 -28.50 0.85 -7.00
CA PRO A 292 -28.26 2.13 -7.66
C PRO A 292 -27.99 3.24 -6.67
N GLU A 293 -27.56 4.39 -7.18
CA GLU A 293 -27.32 5.53 -6.34
C GLU A 293 -28.64 6.29 -6.10
N THR A 294 -29.49 6.35 -7.12
CA THR A 294 -30.81 7.02 -7.11
C THR A 294 -31.73 6.26 -8.04
N ARG A 295 -33.03 6.33 -7.76
CA ARG A 295 -34.02 5.72 -8.61
C ARG A 295 -34.90 6.91 -9.03
N LEU A 296 -34.93 7.24 -10.33
CA LEU A 296 -35.70 8.38 -10.89
C LEU A 296 -36.77 7.93 -11.91
N PRO A 297 -37.70 7.01 -11.55
CA PRO A 297 -38.67 6.54 -12.54
C PRO A 297 -39.76 7.55 -12.79
N GLY A 298 -40.26 7.57 -14.00
CA GLY A 298 -41.32 8.48 -14.41
C GLY A 298 -40.83 9.87 -14.75
N GLN A 299 -39.58 10.18 -14.37
CA GLN A 299 -39.00 11.47 -14.68
C GLN A 299 -38.63 11.57 -16.15
N THR A 300 -38.72 12.79 -16.71
CA THR A 300 -38.38 13.05 -18.10
C THR A 300 -36.87 12.95 -18.36
N ARG A 301 -36.46 12.75 -19.62
CA ARG A 301 -35.05 12.68 -20.03
C ARG A 301 -34.36 13.99 -19.66
N ASP A 302 -35.03 15.14 -19.98
CA ASP A 302 -34.55 16.50 -19.66
C ASP A 302 -34.23 16.67 -18.18
N ALA A 303 -35.07 16.09 -17.29
CA ALA A 303 -34.89 16.10 -15.86
C ALA A 303 -33.78 15.16 -15.42
N TRP A 304 -33.64 14.00 -16.10
CA TRP A 304 -32.60 13.02 -15.79
C TRP A 304 -31.27 13.67 -16.06
N LEU A 305 -31.20 14.40 -17.19
CA LEU A 305 -30.05 15.16 -17.63
C LEU A 305 -29.77 16.26 -16.62
N LYS A 306 -30.83 16.89 -16.06
CA LYS A 306 -30.72 17.91 -15.01
C LYS A 306 -29.94 17.30 -13.82
N HIS A 307 -30.44 16.17 -13.23
CA HIS A 307 -29.84 15.45 -12.09
C HIS A 307 -28.40 15.08 -12.30
N LEU A 308 -28.13 14.44 -13.45
CA LEU A 308 -26.83 13.96 -13.93
C LEU A 308 -25.82 15.10 -14.04
N GLY A 309 -26.32 16.33 -14.27
CA GLY A 309 -25.52 17.53 -14.40
C GLY A 309 -24.74 17.86 -13.15
N GLN A 310 -25.33 17.57 -11.97
CA GLN A 310 -24.76 17.81 -10.66
C GLN A 310 -23.94 16.62 -10.08
N GLN A 311 -23.93 15.51 -10.81
CA GLN A 311 -23.18 14.31 -10.47
C GLN A 311 -21.84 14.38 -11.14
N ARG A 312 -20.81 13.86 -10.47
CA ARG A 312 -19.41 13.84 -10.92
C ARG A 312 -18.90 12.43 -11.04
N SER A 313 -17.86 12.24 -11.86
CA SER A 313 -17.16 10.96 -12.03
C SER A 313 -16.32 10.73 -10.79
N ILE A 314 -16.35 9.50 -10.31
CA ILE A 314 -15.63 9.15 -9.11
C ILE A 314 -14.74 8.01 -9.53
N GLY A 315 -13.45 8.29 -9.67
CA GLY A 315 -12.48 7.26 -10.03
C GLY A 315 -12.70 6.56 -11.36
N GLY A 316 -12.91 7.37 -12.41
CA GLY A 316 -13.12 6.91 -13.77
C GLY A 316 -14.48 6.30 -14.01
N LEU A 317 -15.27 6.21 -12.93
CA LEU A 317 -16.58 5.61 -12.93
C LEU A 317 -17.58 6.74 -13.09
N GLU A 318 -18.10 6.89 -14.34
CA GLU A 318 -19.02 7.95 -14.75
C GLU A 318 -20.48 7.65 -14.34
N PRO A 319 -21.22 8.67 -13.87
CA PRO A 319 -22.63 8.43 -13.55
C PRO A 319 -23.44 8.34 -14.83
N ALA A 320 -24.46 7.44 -14.83
CA ALA A 320 -25.38 7.24 -15.94
C ALA A 320 -26.74 6.85 -15.39
N ILE A 321 -27.83 7.18 -16.12
CA ILE A 321 -29.22 6.83 -15.77
C ILE A 321 -29.64 5.75 -16.74
N VAL A 322 -30.27 4.67 -16.23
CA VAL A 322 -30.79 3.59 -17.08
C VAL A 322 -32.08 4.12 -17.76
N THR A 323 -32.11 4.13 -19.09
CA THR A 323 -33.22 4.65 -19.88
C THR A 323 -34.09 3.53 -20.38
N GLN A 324 -33.51 2.33 -20.52
CA GLN A 324 -34.23 1.14 -20.99
C GLN A 324 -33.60 -0.13 -20.50
N VAL A 325 -34.42 -1.15 -20.18
CA VAL A 325 -33.93 -2.47 -19.79
C VAL A 325 -34.44 -3.48 -20.82
N GLU A 326 -33.51 -4.13 -21.52
CA GLU A 326 -33.81 -5.17 -22.50
C GLU A 326 -33.29 -6.51 -21.93
N LYS A 327 -33.68 -7.66 -22.53
CA LYS A 327 -33.25 -8.99 -22.06
C LYS A 327 -31.77 -9.23 -22.43
N SER A 328 -31.27 -8.42 -23.38
CA SER A 328 -29.92 -8.41 -23.94
C SER A 328 -28.96 -7.51 -23.15
N GLY A 329 -29.51 -6.47 -22.51
CA GLY A 329 -28.74 -5.49 -21.74
C GLY A 329 -29.53 -4.26 -21.36
N ILE A 330 -28.85 -3.10 -21.27
CA ILE A 330 -29.47 -1.81 -20.91
C ILE A 330 -29.01 -0.61 -21.76
N MET A 331 -29.87 0.40 -21.90
CA MET A 331 -29.51 1.66 -22.55
C MET A 331 -29.26 2.63 -21.41
N VAL A 332 -28.18 3.40 -21.51
CA VAL A 332 -27.85 4.37 -20.46
C VAL A 332 -27.55 5.72 -21.05
N MET A 333 -27.90 6.79 -20.33
CA MET A 333 -27.63 8.16 -20.76
C MET A 333 -26.54 8.75 -19.88
N THR A 334 -25.53 9.38 -20.49
CA THR A 334 -24.47 10.03 -19.72
C THR A 334 -24.73 11.53 -19.53
N ARG A 335 -23.80 12.26 -18.89
CA ARG A 335 -23.94 13.69 -18.60
C ARG A 335 -24.10 14.50 -19.87
N ASP A 336 -23.41 14.05 -20.95
CA ASP A 336 -23.38 14.61 -22.31
C ASP A 336 -24.70 14.48 -23.07
N GLY A 337 -25.60 13.63 -22.57
CA GLY A 337 -26.88 13.31 -23.20
C GLY A 337 -26.79 12.11 -24.13
N LYS A 338 -25.56 11.62 -24.40
CA LYS A 338 -25.35 10.47 -25.29
C LYS A 338 -25.90 9.18 -24.66
N GLU A 339 -26.75 8.46 -25.40
CA GLU A 339 -27.35 7.18 -25.02
C GLU A 339 -26.55 6.03 -25.66
N GLU A 340 -26.04 5.08 -24.85
CA GLU A 340 -25.20 3.94 -25.28
C GLU A 340 -25.63 2.64 -24.63
N ALA A 341 -25.40 1.53 -25.34
CA ALA A 341 -25.73 0.20 -24.79
C ALA A 341 -24.72 -0.30 -23.70
N VAL A 342 -25.20 -1.15 -22.79
CA VAL A 342 -24.43 -1.86 -21.75
C VAL A 342 -24.90 -3.31 -21.80
N THR A 343 -23.99 -4.22 -22.16
CA THR A 343 -24.23 -5.67 -22.34
C THR A 343 -24.61 -6.40 -21.09
N TRP A 344 -25.43 -7.45 -21.23
CA TRP A 344 -25.82 -8.27 -20.08
C TRP A 344 -24.57 -8.87 -19.39
N ASP A 345 -23.53 -9.18 -20.18
CA ASP A 345 -22.27 -9.73 -19.70
C ASP A 345 -21.63 -8.87 -18.60
N SER A 346 -21.56 -7.53 -18.81
CA SER A 346 -20.96 -6.62 -17.82
C SER A 346 -21.83 -6.44 -16.58
N MET A 347 -23.06 -7.00 -16.58
CA MET A 347 -24.04 -6.89 -15.51
C MET A 347 -24.14 -8.19 -14.73
N LYS A 348 -23.67 -9.30 -15.32
CA LYS A 348 -23.72 -10.67 -14.75
C LYS A 348 -23.17 -10.77 -13.34
N TRP A 349 -22.14 -9.97 -12.99
CA TRP A 349 -21.57 -9.96 -11.64
C TRP A 349 -22.51 -9.42 -10.57
N ALA A 350 -23.41 -8.50 -10.96
CA ALA A 350 -24.29 -7.77 -10.05
C ALA A 350 -25.29 -8.58 -9.19
N ARG A 351 -24.76 -9.60 -8.52
CA ARG A 351 -25.52 -10.42 -7.60
C ARG A 351 -25.77 -9.59 -6.33
N PRO A 352 -26.89 -9.78 -5.59
CA PRO A 352 -27.12 -8.91 -4.43
C PRO A 352 -26.14 -9.08 -3.26
N PHE A 353 -25.52 -7.95 -2.85
CA PHE A 353 -24.65 -7.94 -1.68
C PHE A 353 -25.60 -7.99 -0.49
N LEU A 354 -25.29 -8.84 0.50
CA LEU A 354 -26.15 -8.95 1.66
C LEU A 354 -25.44 -8.53 2.92
N SER A 355 -24.20 -9.01 3.07
CA SER A 355 -23.27 -8.69 4.16
C SER A 355 -21.88 -8.87 3.56
N ASN A 356 -20.82 -8.43 4.26
CA ASN A 356 -19.48 -8.62 3.72
C ASN A 356 -19.16 -10.11 3.44
N ASN A 357 -19.99 -11.00 4.03
CA ASN A 357 -19.90 -12.45 3.89
C ASN A 357 -21.08 -13.17 3.24
N SER A 358 -22.23 -12.50 3.07
CA SER A 358 -23.37 -13.12 2.39
C SER A 358 -23.71 -12.47 1.07
N MET A 359 -24.06 -13.30 0.09
CA MET A 359 -24.44 -12.84 -1.22
C MET A 359 -25.69 -13.50 -1.73
N GLY A 360 -26.47 -12.74 -2.48
CA GLY A 360 -27.69 -13.18 -3.11
C GLY A 360 -27.37 -14.07 -4.30
N PRO A 361 -28.40 -14.65 -4.95
CA PRO A 361 -28.13 -15.56 -6.08
C PRO A 361 -27.71 -14.80 -7.34
N MET A 362 -27.04 -15.49 -8.26
CA MET A 362 -26.60 -14.90 -9.51
C MET A 362 -27.78 -14.35 -10.35
N PRO A 363 -27.71 -13.08 -10.85
CA PRO A 363 -28.84 -12.55 -11.64
C PRO A 363 -28.91 -13.23 -13.01
N ARG A 364 -30.12 -13.45 -13.51
CA ARG A 364 -30.34 -14.18 -14.76
C ARG A 364 -30.73 -13.31 -15.99
N GLN A 365 -31.05 -12.03 -15.76
CA GLN A 365 -31.44 -11.08 -16.79
C GLN A 365 -31.16 -9.63 -16.34
N PRO A 366 -30.97 -8.68 -17.27
CA PRO A 366 -30.68 -7.30 -16.84
C PRO A 366 -31.73 -6.68 -15.92
N ALA A 367 -33.00 -7.06 -16.09
CA ALA A 367 -34.10 -6.58 -15.24
C ALA A 367 -33.91 -6.97 -13.74
N ASP A 368 -33.23 -8.09 -13.49
CA ASP A 368 -32.95 -8.51 -12.13
C ASP A 368 -32.07 -7.46 -11.44
N VAL A 369 -31.19 -6.78 -12.21
CA VAL A 369 -30.18 -5.85 -11.72
C VAL A 369 -30.55 -4.36 -11.72
N ALA A 370 -31.18 -3.91 -12.80
CA ALA A 370 -31.48 -2.48 -12.99
C ALA A 370 -32.88 -2.23 -13.50
N GLN A 371 -33.33 -0.98 -13.36
CA GLN A 371 -34.65 -0.51 -13.77
C GLN A 371 -34.51 0.91 -14.31
N ALA A 372 -35.36 1.28 -15.27
CA ALA A 372 -35.34 2.62 -15.83
C ALA A 372 -35.43 3.67 -14.70
N GLY A 373 -34.65 4.73 -14.84
CA GLY A 373 -34.57 5.77 -13.83
C GLY A 373 -33.45 5.53 -12.83
N ASP A 374 -32.87 4.28 -12.81
CA ASP A 374 -31.77 3.91 -11.91
C ASP A 374 -30.54 4.71 -12.29
N GLN A 375 -29.87 5.29 -11.27
CA GLN A 375 -28.62 5.99 -11.49
C GLN A 375 -27.56 4.94 -11.15
N ILE A 376 -26.76 4.59 -12.15
CA ILE A 376 -25.74 3.57 -12.04
C ILE A 376 -24.34 4.16 -12.30
N ARG A 377 -23.34 3.27 -12.46
CA ARG A 377 -21.99 3.66 -12.82
C ARG A 377 -21.56 2.89 -14.06
N VAL A 378 -20.85 3.54 -14.96
CA VAL A 378 -20.32 2.92 -16.17
C VAL A 378 -18.86 3.26 -16.21
N GLN A 379 -18.04 2.31 -16.68
CA GLN A 379 -16.61 2.52 -16.84
C GLN A 379 -16.33 2.27 -18.29
N ARG A 380 -15.71 3.25 -18.99
CA ARG A 380 -15.33 3.09 -20.38
C ARG A 380 -14.06 2.24 -20.44
N GLN A 381 -13.90 1.44 -21.50
CA GLN A 381 -12.72 0.58 -21.72
C GLN A 381 -11.90 1.08 -22.93
N GLU A 382 -10.70 0.48 -23.13
CA GLU A 382 -9.82 0.81 -24.25
C GLU A 382 -10.51 0.64 -25.61
N ASP A 383 -11.54 -0.21 -25.70
CA ASP A 383 -12.31 -0.39 -26.93
C ASP A 383 -13.64 0.42 -26.96
N GLY A 384 -13.64 1.56 -26.27
CA GLY A 384 -14.77 2.50 -26.22
C GLY A 384 -16.07 2.05 -25.55
N THR A 385 -16.18 0.75 -25.22
CA THR A 385 -17.38 0.15 -24.59
C THR A 385 -17.54 0.57 -23.12
N LEU A 386 -18.75 0.42 -22.58
CA LEU A 386 -19.06 0.74 -21.19
C LEU A 386 -19.34 -0.53 -20.40
N ARG A 387 -18.62 -0.72 -19.28
CA ARG A 387 -18.84 -1.87 -18.41
C ARG A 387 -19.64 -1.40 -17.20
N PHE A 388 -20.68 -2.19 -16.80
CA PHE A 388 -21.54 -1.90 -15.65
C PHE A 388 -20.70 -2.09 -14.39
N VAL A 389 -20.60 -1.02 -13.61
CA VAL A 389 -19.79 -0.97 -12.39
C VAL A 389 -20.59 -0.38 -11.21
N GLN A 390 -19.91 -0.15 -10.07
CA GLN A 390 -20.44 0.42 -8.83
C GLN A 390 -19.28 1.05 -8.03
N ILE A 391 -19.53 2.17 -7.31
CA ILE A 391 -18.46 2.79 -6.54
C ILE A 391 -18.11 1.98 -5.29
N PRO A 392 -16.87 1.42 -5.20
CA PRO A 392 -16.50 0.58 -4.04
C PRO A 392 -16.73 1.20 -2.69
N ALA A 393 -17.06 0.38 -1.67
CA ALA A 393 -17.24 0.88 -0.30
C ALA A 393 -15.90 0.74 0.47
N ALA A 394 -15.04 -0.16 -0.01
CA ALA A 394 -13.73 -0.36 0.55
C ALA A 394 -12.84 0.80 0.13
N GLN A 395 -11.77 1.03 0.87
CA GLN A 395 -10.78 2.06 0.57
C GLN A 395 -9.39 1.42 0.50
N SER A 396 -8.47 2.11 -0.15
CA SER A 396 -7.11 1.63 -0.26
C SER A 396 -6.18 2.82 -0.14
N ALA A 397 -4.88 2.54 0.06
CA ALA A 397 -3.83 3.56 0.14
C ALA A 397 -2.53 3.03 -0.49
N LEU A 398 -1.94 3.80 -1.43
CA LEU A 398 -0.67 3.40 -2.05
C LEU A 398 0.36 4.50 -1.88
N ILE A 399 1.59 4.11 -1.55
CA ILE A 399 2.70 5.02 -1.41
C ILE A 399 3.97 4.31 -1.89
N SER A 400 4.74 4.99 -2.75
CA SER A 400 5.97 4.47 -3.29
C SER A 400 7.07 5.50 -3.07
N LEU A 401 8.25 5.04 -2.63
CA LEU A 401 9.37 5.91 -2.30
C LEU A 401 10.64 5.51 -3.00
N ASP A 402 11.55 6.48 -3.18
CA ASP A 402 12.91 6.22 -3.64
C ASP A 402 13.62 6.04 -2.29
N PRO A 403 14.15 4.84 -1.96
CA PRO A 403 14.72 4.64 -0.62
C PRO A 403 16.01 5.39 -0.38
N LYS A 404 16.63 5.88 -1.47
CA LYS A 404 17.88 6.64 -1.46
C LYS A 404 17.71 7.98 -0.69
N ASP A 405 16.60 8.72 -0.91
CA ASP A 405 16.40 10.00 -0.23
C ASP A 405 15.05 10.15 0.50
N GLY A 406 14.13 9.23 0.21
CA GLY A 406 12.82 9.24 0.82
C GLY A 406 11.77 9.98 0.01
N ALA A 407 12.07 10.34 -1.27
CA ALA A 407 11.14 11.03 -2.16
C ALA A 407 9.92 10.18 -2.49
N ILE A 408 8.71 10.77 -2.39
CA ILE A 408 7.46 10.09 -2.73
C ILE A 408 7.35 10.04 -4.27
N ARG A 409 7.41 8.84 -4.89
CA ARG A 409 7.34 8.79 -6.36
C ARG A 409 5.92 8.67 -6.86
N SER A 410 5.04 8.21 -5.98
CA SER A 410 3.59 8.14 -6.17
C SER A 410 2.85 7.98 -4.84
N LEU A 411 1.70 8.62 -4.75
CA LEU A 411 0.82 8.60 -3.59
C LEU A 411 -0.66 8.58 -4.05
N VAL A 412 -1.47 7.77 -3.37
CA VAL A 412 -2.90 7.57 -3.59
C VAL A 412 -3.47 7.41 -2.17
N GLY A 413 -4.33 8.35 -1.79
CA GLY A 413 -4.91 8.42 -0.45
C GLY A 413 -6.31 7.87 -0.32
N GLY A 414 -6.85 7.33 -1.42
CA GLY A 414 -8.17 6.72 -1.45
C GLY A 414 -8.60 6.33 -2.85
N PHE A 415 -9.89 5.89 -3.01
CA PHE A 415 -10.43 5.52 -4.32
C PHE A 415 -10.59 6.78 -5.19
N SER A 416 -11.08 7.86 -4.54
CA SER A 416 -11.28 9.17 -5.12
C SER A 416 -11.19 10.26 -4.10
N PHE A 417 -10.52 11.35 -4.52
CA PHE A 417 -10.42 12.61 -3.80
C PHE A 417 -11.79 13.22 -4.09
N GLU A 418 -12.25 12.91 -5.31
CA GLU A 418 -13.51 13.21 -5.96
C GLU A 418 -14.70 12.81 -5.01
N GLN A 419 -14.39 12.02 -3.90
CA GLN A 419 -15.25 11.58 -2.77
C GLN A 419 -14.88 12.54 -1.64
N SER A 420 -14.07 12.08 -0.64
CA SER A 420 -13.52 12.92 0.44
C SER A 420 -12.07 13.37 0.15
N ASN A 421 -11.62 14.39 0.87
CA ASN A 421 -10.25 14.87 0.72
C ASN A 421 -9.27 14.13 1.69
N TYR A 422 -9.79 13.18 2.51
CA TYR A 422 -9.01 12.42 3.49
C TYR A 422 -7.88 11.62 2.84
N ASN A 423 -6.63 11.89 3.27
CA ASN A 423 -5.42 11.25 2.73
C ASN A 423 -5.01 10.09 3.59
N ARG A 424 -5.58 8.94 3.31
CA ARG A 424 -5.29 7.73 4.07
C ARG A 424 -3.83 7.26 3.99
N ALA A 425 -3.03 7.79 3.04
CA ALA A 425 -1.62 7.40 2.92
C ALA A 425 -0.74 8.03 4.00
N ILE A 426 -1.22 9.15 4.57
CA ILE A 426 -0.49 9.96 5.55
C ILE A 426 -1.34 10.28 6.78
N GLN A 427 -2.68 10.20 6.68
CA GLN A 427 -3.56 10.53 7.80
C GLN A 427 -4.07 9.31 8.54
N ALA A 428 -4.52 8.27 7.82
CA ALA A 428 -5.08 7.05 8.40
C ALA A 428 -4.08 6.20 9.14
N LYS A 429 -4.28 6.00 10.47
CA LYS A 429 -3.42 5.20 11.34
C LYS A 429 -4.02 3.81 11.46
N ARG A 430 -3.44 2.82 10.79
CA ARG A 430 -3.97 1.46 10.85
C ARG A 430 -3.00 0.43 11.46
N GLN A 431 -3.55 -0.73 11.88
CA GLN A 431 -2.73 -1.83 12.42
C GLN A 431 -2.00 -2.58 11.26
N PRO A 432 -0.64 -2.58 11.27
CA PRO A 432 0.11 -3.22 10.18
C PRO A 432 0.11 -4.76 10.20
N GLY A 433 -0.25 -5.35 11.34
CA GLY A 433 -0.25 -6.79 11.53
C GLY A 433 1.13 -7.39 11.31
N SER A 434 1.21 -8.38 10.39
CA SER A 434 2.44 -9.07 10.07
C SER A 434 3.38 -8.24 9.23
N SER A 435 2.85 -7.19 8.55
CA SER A 435 3.69 -6.34 7.72
C SER A 435 4.70 -5.56 8.61
N PHE A 436 4.53 -5.74 9.94
CA PHE A 436 5.34 -5.13 10.98
C PHE A 436 6.48 -6.03 11.50
N LYS A 437 6.25 -7.35 11.55
CA LYS A 437 7.22 -8.33 12.05
C LYS A 437 8.70 -8.02 11.72
N PRO A 438 9.07 -7.68 10.46
CA PRO A 438 10.48 -7.38 10.14
C PRO A 438 11.22 -6.59 11.20
N PHE A 439 10.63 -5.50 11.70
CA PHE A 439 11.18 -4.62 12.74
C PHE A 439 11.52 -5.38 14.03
N ILE A 440 10.64 -6.33 14.45
CA ILE A 440 10.92 -7.17 15.61
C ILE A 440 12.10 -8.12 15.28
N TYR A 441 12.03 -8.77 14.12
CA TYR A 441 13.08 -9.68 13.71
C TYR A 441 14.42 -8.99 13.45
N SER A 442 14.40 -7.75 12.96
CA SER A 442 15.62 -6.96 12.69
C SER A 442 16.30 -6.67 14.02
N ALA A 443 15.49 -6.32 15.03
CA ALA A 443 15.92 -6.08 16.40
C ALA A 443 16.53 -7.36 16.99
N ALA A 444 15.90 -8.52 16.71
CA ALA A 444 16.37 -9.84 17.10
C ALA A 444 17.81 -10.06 16.57
N LEU A 445 18.01 -9.91 15.24
CA LEU A 445 19.31 -10.07 14.58
C LEU A 445 20.37 -9.14 15.19
N ASP A 446 19.92 -7.98 15.66
CA ASP A 446 20.75 -6.99 16.30
C ASP A 446 20.82 -7.17 17.82
N ASN A 447 20.15 -8.18 18.40
CA ASN A 447 20.19 -8.42 19.84
C ASN A 447 20.34 -9.89 20.30
N GLY A 448 21.26 -10.60 19.67
CA GLY A 448 21.56 -11.97 20.06
C GLY A 448 21.06 -13.10 19.18
N PHE A 449 20.00 -12.89 18.41
CA PHE A 449 19.45 -13.93 17.53
C PHE A 449 20.15 -13.98 16.18
N THR A 450 19.96 -15.08 15.45
CA THR A 450 20.48 -15.30 14.09
C THR A 450 19.36 -15.84 13.20
N ALA A 451 19.53 -15.77 11.86
CA ALA A 451 18.59 -16.29 10.87
C ALA A 451 18.41 -17.81 11.04
N ALA A 452 19.25 -18.39 11.92
CA ALA A 452 19.28 -19.81 12.22
C ALA A 452 18.67 -20.12 13.57
N SER A 453 18.63 -19.12 14.50
CA SER A 453 18.11 -19.27 15.87
C SER A 453 16.83 -20.06 15.93
N LEU A 454 16.85 -21.23 16.59
CA LEU A 454 15.66 -22.06 16.73
C LEU A 454 14.73 -21.46 17.81
N VAL A 455 13.45 -21.28 17.49
CA VAL A 455 12.46 -20.73 18.42
C VAL A 455 11.23 -21.59 18.33
N ASN A 456 10.80 -22.12 19.49
CA ASN A 456 9.63 -22.99 19.56
C ASN A 456 8.32 -22.27 19.23
N ASP A 457 7.71 -22.60 18.06
CA ASP A 457 6.39 -22.14 17.64
C ASP A 457 5.44 -23.09 18.36
N ALA A 458 4.86 -22.63 19.47
CA ALA A 458 3.97 -23.42 20.30
C ALA A 458 3.14 -22.47 21.15
N PRO A 459 1.97 -22.87 21.67
CA PRO A 459 1.19 -21.94 22.52
C PRO A 459 2.00 -21.40 23.69
N ILE A 460 1.67 -20.19 24.14
CA ILE A 460 2.39 -19.56 25.23
C ILE A 460 1.49 -19.44 26.43
N VAL A 461 1.84 -20.11 27.52
CA VAL A 461 1.09 -19.98 28.77
C VAL A 461 1.54 -18.66 29.40
N PHE A 462 0.65 -17.96 30.10
CA PHE A 462 1.02 -16.69 30.73
C PHE A 462 0.33 -16.49 32.09
N VAL A 463 0.88 -15.56 32.92
CA VAL A 463 0.41 -15.26 34.28
C VAL A 463 0.29 -13.74 34.57
N ASP A 464 -0.33 -13.36 35.70
CA ASP A 464 -0.39 -11.98 36.21
C ASP A 464 -0.22 -12.07 37.72
N GLU A 465 0.86 -11.47 38.28
CA GLU A 465 1.27 -11.70 39.65
C GLU A 465 1.86 -10.67 40.63
N TYR A 466 1.04 -9.72 41.02
CA TYR A 466 1.41 -8.73 42.04
C TYR A 466 2.50 -7.71 41.74
N LEU A 467 2.87 -6.91 42.75
CA LEU A 467 3.73 -5.73 42.59
C LEU A 467 4.33 -5.64 44.01
N THR A 479 -0.56 -24.57 18.65
CA THR A 479 0.25 -23.97 17.60
C THR A 479 1.39 -24.87 17.17
N PHE A 480 1.29 -25.41 15.94
CA PHE A 480 2.17 -26.37 15.24
C PHE A 480 3.61 -25.88 14.95
N LEU A 481 4.30 -26.60 14.08
CA LEU A 481 5.62 -26.38 13.50
C LEU A 481 6.83 -27.18 14.00
N GLY A 482 7.24 -27.16 15.27
CA GLY A 482 6.95 -26.30 16.40
C GLY A 482 8.21 -25.49 16.55
N PRO A 483 9.33 -26.01 17.17
CA PRO A 483 10.60 -25.23 17.17
C PRO A 483 11.19 -25.13 15.75
N ILE A 484 11.40 -23.89 15.27
CA ILE A 484 11.81 -23.55 13.89
C ILE A 484 12.86 -22.43 13.78
N PRO A 485 13.63 -22.31 12.66
CA PRO A 485 14.56 -21.17 12.51
C PRO A 485 13.87 -19.80 12.38
N LEU A 486 14.49 -18.75 12.96
CA LEU A 486 13.96 -17.39 12.89
C LEU A 486 13.48 -16.99 11.49
N ARG A 487 14.27 -17.34 10.44
CA ARG A 487 13.96 -17.11 9.03
C ARG A 487 12.64 -17.80 8.66
N GLU A 488 12.44 -19.08 9.03
CA GLU A 488 11.20 -19.83 8.74
C GLU A 488 9.98 -19.13 9.31
N ALA A 489 10.09 -18.71 10.58
CA ALA A 489 9.07 -18.01 11.32
C ALA A 489 8.68 -16.70 10.64
N LEU A 490 9.68 -15.92 10.17
CA LEU A 490 9.43 -14.64 9.51
C LEU A 490 8.60 -14.82 8.23
N TYR A 491 9.11 -15.53 7.22
CA TYR A 491 8.30 -15.73 6.01
C TYR A 491 6.97 -16.46 6.28
N LYS A 492 6.92 -17.31 7.33
CA LYS A 492 5.69 -18.02 7.64
C LYS A 492 4.74 -17.28 8.58
N SER A 493 5.08 -16.00 8.98
CA SER A 493 4.26 -15.14 9.87
C SER A 493 3.82 -15.88 11.17
N ARG A 494 4.74 -16.63 11.80
CA ARG A 494 4.46 -17.41 13.01
C ARG A 494 4.43 -16.50 14.26
N ASN A 495 3.20 -16.10 14.68
CA ASN A 495 2.99 -15.20 15.81
C ASN A 495 3.60 -15.69 17.12
N MET A 496 3.57 -17.01 17.36
CA MET A 496 4.15 -17.53 18.60
C MET A 496 5.64 -17.27 18.72
N VAL A 497 6.34 -17.33 17.58
CA VAL A 497 7.75 -17.04 17.51
C VAL A 497 7.97 -15.55 17.80
N SER A 498 7.25 -14.69 17.06
CA SER A 498 7.33 -13.23 17.20
C SER A 498 7.16 -12.80 18.66
N ILE A 499 6.22 -13.43 19.43
CA ILE A 499 6.01 -13.12 20.86
C ILE A 499 7.27 -13.48 21.68
N ARG A 500 7.79 -14.71 21.49
CA ARG A 500 8.97 -15.22 22.17
C ARG A 500 10.22 -14.38 21.90
N VAL A 501 10.38 -13.89 20.66
CA VAL A 501 11.52 -13.08 20.27
C VAL A 501 11.49 -11.77 21.01
N LEU A 502 10.29 -11.13 21.03
CA LEU A 502 10.05 -9.86 21.74
C LEU A 502 10.29 -10.06 23.22
N GLN A 503 9.82 -11.21 23.75
CA GLN A 503 9.96 -11.62 25.13
C GLN A 503 11.42 -11.56 25.54
N GLY A 504 12.27 -12.22 24.75
CA GLY A 504 13.70 -12.28 24.95
C GLY A 504 14.35 -10.93 24.83
N LEU A 505 13.94 -10.19 23.82
CA LEU A 505 14.40 -8.85 23.51
C LEU A 505 14.03 -7.85 24.62
N GLY A 506 12.81 -7.98 25.14
CA GLY A 506 12.24 -7.08 26.14
C GLY A 506 11.62 -5.87 25.47
N ILE A 507 10.34 -5.56 25.81
CA ILE A 507 9.52 -4.44 25.28
C ILE A 507 10.31 -3.16 24.99
N GLU A 508 11.03 -2.64 26.01
CA GLU A 508 11.81 -1.41 25.94
C GLU A 508 12.85 -1.40 24.84
N ARG A 509 13.79 -2.36 24.91
CA ARG A 509 14.86 -2.56 23.93
C ARG A 509 14.26 -2.54 22.52
N ALA A 510 13.15 -3.29 22.32
CA ALA A 510 12.45 -3.35 21.03
C ALA A 510 12.00 -1.95 20.62
N ILE A 511 11.17 -1.29 21.43
CA ILE A 511 10.65 0.07 21.17
C ILE A 511 11.74 1.08 20.82
N SER A 512 12.82 1.10 21.61
CA SER A 512 13.95 1.98 21.37
C SER A 512 14.60 1.73 20.00
N TYR A 513 14.78 0.43 19.61
CA TYR A 513 15.29 0.03 18.28
C TYR A 513 14.29 0.47 17.19
N ILE A 514 12.99 0.05 17.32
CA ILE A 514 11.90 0.29 16.38
C ILE A 514 11.68 1.75 16.06
N THR A 515 11.55 2.63 17.07
CA THR A 515 11.27 4.06 16.86
C THR A 515 12.23 4.76 15.90
N LYS A 516 13.51 4.32 15.92
CA LYS A 516 14.62 4.80 15.08
C LYS A 516 14.30 4.66 13.61
N PHE A 517 13.38 3.76 13.26
CA PHE A 517 12.91 3.52 11.88
C PHE A 517 11.88 4.55 11.39
N GLY A 518 11.39 5.42 12.25
CA GLY A 518 10.38 6.40 11.84
C GLY A 518 9.09 6.34 12.62
N PHE A 519 8.92 5.30 13.46
CA PHE A 519 7.74 5.17 14.29
C PHE A 519 7.85 6.04 15.52
N GLN A 520 6.69 6.47 16.02
CA GLN A 520 6.55 7.34 17.18
C GLN A 520 6.40 6.44 18.40
N ARG A 521 7.05 6.79 19.52
CA ARG A 521 6.95 6.00 20.76
C ARG A 521 5.48 5.85 21.22
N ASP A 522 4.70 6.94 21.04
CA ASP A 522 3.27 7.04 21.34
C ASP A 522 2.34 6.11 20.49
N GLU A 523 2.88 5.46 19.43
CA GLU A 523 2.08 4.57 18.56
C GLU A 523 2.42 3.13 18.83
N LEU A 524 3.55 2.89 19.50
CA LEU A 524 4.06 1.56 19.77
C LEU A 524 3.56 1.00 21.09
N PRO A 525 2.71 -0.07 21.05
CA PRO A 525 2.20 -0.69 22.29
C PRO A 525 3.29 -1.25 23.19
N ARG A 526 3.31 -0.79 24.45
CA ARG A 526 4.25 -1.18 25.49
C ARG A 526 3.86 -2.57 26.12
N ASN A 527 3.59 -3.62 25.26
CA ASN A 527 3.19 -4.99 25.65
C ASN A 527 3.41 -6.05 24.52
N PHE A 528 3.16 -7.34 24.83
CA PHE A 528 3.32 -8.52 23.92
C PHE A 528 2.74 -8.29 22.52
N SER A 529 1.57 -7.62 22.45
CA SER A 529 0.83 -7.35 21.23
C SER A 529 1.68 -6.67 20.15
N LEU A 530 2.70 -5.89 20.57
CA LEU A 530 3.63 -5.21 19.67
C LEU A 530 4.22 -6.20 18.64
N ALA A 531 4.51 -7.44 19.07
CA ALA A 531 5.07 -8.47 18.22
C ALA A 531 4.11 -8.83 17.08
N LEU A 532 2.79 -8.69 17.32
CA LEU A 532 1.74 -9.02 16.36
C LEU A 532 1.39 -7.83 15.43
N GLY A 533 2.05 -6.69 15.61
CA GLY A 533 1.81 -5.49 14.81
C GLY A 533 0.46 -4.86 15.08
N THR A 534 0.21 -4.51 16.36
CA THR A 534 -1.05 -3.93 16.83
C THR A 534 -0.90 -2.44 17.01
N ALA A 535 0.26 -1.89 16.57
CA ALA A 535 0.56 -0.46 16.56
C ALA A 535 -0.41 0.26 15.61
N THR A 536 -0.48 1.59 15.70
CA THR A 536 -1.31 2.40 14.79
C THR A 536 -0.36 3.23 13.93
N VAL A 537 -0.25 2.89 12.66
CA VAL A 537 0.71 3.57 11.81
C VAL A 537 0.14 3.96 10.46
N THR A 538 0.82 4.92 9.80
CA THR A 538 0.38 5.35 8.48
C THR A 538 1.18 4.67 7.39
N PRO A 539 0.58 4.46 6.18
CA PRO A 539 1.36 3.82 5.08
C PRO A 539 2.63 4.59 4.73
N MET A 540 2.70 5.90 5.03
CA MET A 540 3.93 6.64 4.80
C MET A 540 4.97 6.27 5.84
N GLU A 541 4.57 6.14 7.13
CA GLU A 541 5.50 5.72 8.20
C GLU A 541 6.09 4.34 7.90
N ILE A 542 5.22 3.38 7.46
CA ILE A 542 5.61 2.01 7.18
C ILE A 542 6.62 1.96 6.05
N ALA A 543 6.32 2.67 4.95
CA ALA A 543 7.15 2.80 3.75
C ALA A 543 8.48 3.45 4.10
N GLY A 544 8.43 4.53 4.88
CA GLY A 544 9.63 5.24 5.34
C GLY A 544 10.58 4.31 6.10
N ALA A 545 9.99 3.47 6.97
CA ALA A 545 10.70 2.47 7.76
C ALA A 545 11.25 1.33 6.91
N TRP A 546 10.46 0.78 5.98
CA TRP A 546 10.93 -0.32 5.13
C TRP A 546 12.12 0.14 4.29
N SER A 547 12.18 1.47 3.98
CA SER A 547 13.27 2.09 3.20
C SER A 547 14.63 1.85 3.89
N VAL A 548 14.64 1.77 5.24
CA VAL A 548 15.84 1.46 6.02
C VAL A 548 16.43 0.14 5.47
N PHE A 549 15.61 -0.92 5.31
CA PHE A 549 16.14 -2.19 4.79
C PHE A 549 16.54 -2.06 3.32
N ALA A 550 15.74 -1.30 2.56
CA ALA A 550 15.96 -1.12 1.12
C ALA A 550 17.28 -0.45 0.76
N ASN A 551 17.61 0.67 1.45
CA ASN A 551 18.83 1.46 1.23
C ASN A 551 20.09 0.96 1.99
N GLY A 552 19.95 -0.15 2.70
CA GLY A 552 21.04 -0.77 3.42
C GLY A 552 21.34 -0.26 4.81
N GLY A 553 20.33 0.25 5.51
CA GLY A 553 20.48 0.65 6.91
C GLY A 553 20.40 2.11 7.28
N TYR A 554 20.00 2.94 6.33
CA TYR A 554 19.94 4.36 6.63
C TYR A 554 18.53 4.89 6.85
N LYS A 555 18.39 5.88 7.76
CA LYS A 555 17.13 6.57 8.00
C LYS A 555 16.98 7.69 6.96
N VAL A 556 15.93 7.60 6.12
CA VAL A 556 15.56 8.64 5.16
C VAL A 556 14.27 9.29 5.62
N ASN A 557 14.10 10.59 5.34
CA ASN A 557 12.88 11.29 5.74
C ASN A 557 11.98 11.48 4.52
N PRO A 558 10.83 10.78 4.41
CA PRO A 558 9.96 10.99 3.25
C PRO A 558 9.67 12.45 2.99
N TYR A 559 9.67 12.85 1.72
CA TYR A 559 9.45 14.23 1.31
C TYR A 559 8.72 14.33 -0.03
N VAL A 560 8.04 15.47 -0.26
CA VAL A 560 7.30 15.71 -1.51
C VAL A 560 7.69 16.97 -2.31
N ILE A 561 8.17 18.04 -1.62
CA ILE A 561 8.66 19.20 -2.36
C ILE A 561 10.15 19.03 -2.74
N GLU A 562 10.38 18.97 -4.06
CA GLU A 562 11.70 18.87 -4.68
C GLU A 562 12.24 20.31 -4.93
N ARG A 563 11.37 21.21 -5.43
CA ARG A 563 11.71 22.60 -5.76
C ARG A 563 10.56 23.60 -5.60
N ILE A 564 10.90 24.81 -5.17
CA ILE A 564 9.99 25.93 -5.10
C ILE A 564 10.66 27.01 -5.94
N GLU A 565 10.00 27.41 -7.03
CA GLU A 565 10.44 28.46 -7.94
C GLU A 565 9.60 29.73 -7.71
N SER A 566 10.13 30.89 -8.13
CA SER A 566 9.45 32.18 -8.01
C SER A 566 8.65 32.46 -9.29
N ARG A 567 7.98 33.63 -9.32
CA ARG A 567 7.22 34.17 -10.45
C ARG A 567 8.12 34.08 -11.71
N ASP A 568 9.24 34.87 -11.74
CA ASP A 568 10.21 34.93 -12.84
C ASP A 568 10.93 33.61 -13.19
N GLY A 569 11.07 32.71 -12.21
CA GLY A 569 11.73 31.43 -12.37
C GLY A 569 12.96 31.20 -11.49
N GLN A 570 13.25 32.15 -10.58
CA GLN A 570 14.37 32.09 -9.63
C GLN A 570 14.15 30.96 -8.58
N VAL A 571 15.17 30.08 -8.40
CA VAL A 571 15.04 28.96 -7.45
C VAL A 571 15.12 29.34 -5.96
N LEU A 572 13.93 29.47 -5.36
CA LEU A 572 13.71 29.84 -3.96
C LEU A 572 13.99 28.70 -2.97
N TYR A 573 13.84 27.44 -3.43
CA TYR A 573 14.05 26.27 -2.60
C TYR A 573 14.44 25.07 -3.41
N GLN A 574 15.53 24.42 -2.97
CA GLN A 574 16.02 23.20 -3.57
C GLN A 574 16.29 22.21 -2.44
N ALA A 575 15.35 21.29 -2.30
CA ALA A 575 15.33 20.25 -1.28
C ALA A 575 16.62 19.48 -1.25
N ASN A 576 17.26 19.48 -0.07
CA ASN A 576 18.49 18.71 0.16
C ASN A 576 18.21 17.74 1.30
N PRO A 577 17.60 16.59 0.93
CA PRO A 577 17.24 15.59 1.94
C PRO A 577 18.43 14.75 2.34
N PRO A 578 18.34 13.99 3.46
CA PRO A 578 19.44 13.07 3.80
C PRO A 578 19.48 11.94 2.75
N ARG A 579 20.63 11.78 2.12
CA ARG A 579 20.78 10.80 1.04
C ARG A 579 21.79 9.69 1.35
N VAL A 580 21.45 8.45 0.97
CA VAL A 580 22.35 7.33 1.13
C VAL A 580 23.53 7.44 0.14
N PRO A 581 24.75 7.03 0.57
CA PRO A 581 25.90 7.08 -0.33
C PRO A 581 25.71 6.33 -1.65
N VAL A 582 26.24 6.94 -2.72
CA VAL A 582 26.18 6.53 -4.12
C VAL A 582 26.50 5.02 -4.45
N GLU A 625 26.57 20.76 -1.41
CA GLU A 625 26.82 19.32 -1.25
C GLU A 625 25.67 18.59 -0.51
N PRO A 626 25.31 17.33 -0.92
CA PRO A 626 24.17 16.63 -0.28
C PRO A 626 24.29 16.25 1.19
N THR A 627 23.15 16.30 1.92
CA THR A 627 23.07 15.93 3.33
C THR A 627 23.34 14.43 3.48
N PRO A 628 24.38 14.00 4.25
CA PRO A 628 24.59 12.56 4.41
C PRO A 628 23.51 11.95 5.30
N ALA A 629 22.96 10.80 4.87
CA ALA A 629 21.93 10.08 5.62
C ALA A 629 22.59 9.33 6.75
N GLU A 630 22.01 9.44 7.94
CA GLU A 630 22.45 8.80 9.16
C GLU A 630 22.17 7.30 9.01
N ARG A 631 23.12 6.46 9.46
CA ARG A 631 22.92 5.02 9.47
C ARG A 631 22.33 4.68 10.82
N ILE A 632 21.29 3.86 10.81
CA ILE A 632 20.62 3.45 12.05
C ILE A 632 20.85 1.96 12.39
N ILE A 633 21.09 1.11 11.37
CA ILE A 633 21.29 -0.32 11.58
C ILE A 633 22.46 -0.84 10.78
N ASP A 634 23.02 -1.99 11.22
CA ASP A 634 24.13 -2.70 10.59
C ASP A 634 23.78 -3.04 9.11
N ALA A 635 24.70 -2.74 8.17
CA ALA A 635 24.48 -3.04 6.75
C ALA A 635 24.19 -4.52 6.55
N ARG A 636 24.89 -5.38 7.33
CA ARG A 636 24.71 -6.83 7.32
C ARG A 636 23.31 -7.19 7.79
N THR A 637 22.81 -6.47 8.82
CA THR A 637 21.43 -6.66 9.28
C THR A 637 20.46 -6.44 8.12
N ALA A 638 20.57 -5.28 7.42
CA ALA A 638 19.76 -4.93 6.26
C ALA A 638 19.83 -5.99 5.16
N TYR A 639 21.03 -6.60 4.98
CA TYR A 639 21.25 -7.63 3.96
C TYR A 639 20.56 -8.96 4.29
N ILE A 640 20.74 -9.45 5.55
CA ILE A 640 20.13 -10.70 6.02
C ILE A 640 18.62 -10.53 6.08
N MET A 641 18.20 -9.39 6.65
CA MET A 641 16.79 -9.03 6.71
C MET A 641 16.16 -9.12 5.30
N THR A 642 16.82 -8.51 4.28
CA THR A 642 16.38 -8.56 2.89
C THR A 642 16.31 -10.02 2.42
N SER A 643 17.39 -10.80 2.70
CA SER A 643 17.48 -12.21 2.32
C SER A 643 16.20 -12.95 2.73
N MET A 644 15.85 -12.82 4.03
CA MET A 644 14.68 -13.44 4.63
C MET A 644 13.39 -12.97 4.00
N LEU A 645 13.22 -11.63 3.82
CA LEU A 645 12.01 -11.01 3.24
C LEU A 645 11.78 -11.36 1.78
N GLN A 646 12.86 -11.77 1.06
CA GLN A 646 12.77 -12.25 -0.32
C GLN A 646 12.12 -13.65 -0.31
N ASP A 647 12.31 -14.42 0.78
CA ASP A 647 11.69 -15.73 0.93
C ASP A 647 10.18 -15.61 1.03
N VAL A 648 9.68 -14.51 1.61
CA VAL A 648 8.24 -14.25 1.70
C VAL A 648 7.70 -14.34 0.24
N ILE A 649 8.43 -13.76 -0.75
CA ILE A 649 8.02 -13.89 -2.16
C ILE A 649 8.30 -15.31 -2.69
N LYS A 650 9.57 -15.77 -2.54
CA LYS A 650 10.08 -17.09 -2.96
C LYS A 650 9.25 -18.32 -2.41
N ARG A 651 9.20 -18.49 -1.07
CA ARG A 651 8.51 -19.59 -0.41
C ARG A 651 7.17 -19.21 0.25
N GLY A 652 7.16 -18.08 0.98
CA GLY A 652 6.07 -17.58 1.80
C GLY A 652 4.79 -17.06 1.15
N THR A 653 4.18 -16.05 1.84
CA THR A 653 2.92 -15.39 1.46
C THR A 653 2.90 -14.49 0.22
N GLY A 654 4.07 -14.17 -0.30
CA GLY A 654 4.19 -13.33 -1.48
C GLY A 654 4.34 -14.08 -2.79
N ARG A 655 4.08 -15.42 -2.80
CA ARG A 655 4.20 -16.22 -4.03
C ARG A 655 3.52 -15.62 -5.29
N ARG A 656 2.46 -14.80 -5.12
CA ARG A 656 1.77 -14.19 -6.26
C ARG A 656 2.71 -13.18 -6.98
N ALA A 657 3.67 -12.57 -6.23
CA ALA A 657 4.66 -11.61 -6.71
C ALA A 657 5.76 -12.29 -7.58
N LEU A 658 5.78 -13.65 -7.62
CA LEU A 658 6.73 -14.36 -8.47
C LEU A 658 6.30 -14.15 -9.93
N ALA A 659 5.01 -13.77 -10.12
CA ALA A 659 4.39 -13.52 -11.42
C ALA A 659 5.13 -12.44 -12.19
N LEU A 660 5.79 -11.50 -11.46
CA LEU A 660 6.57 -10.38 -12.02
C LEU A 660 7.87 -10.87 -12.64
N LYS A 661 8.31 -12.11 -12.31
CA LYS A 661 9.53 -12.75 -12.86
C LYS A 661 10.75 -11.89 -12.50
N ARG A 662 10.89 -11.61 -11.20
CA ARG A 662 11.98 -10.78 -10.68
C ARG A 662 12.61 -11.44 -9.47
N THR A 663 13.95 -11.33 -9.34
CA THR A 663 14.69 -11.94 -8.22
C THR A 663 14.86 -11.01 -7.01
N ASP A 664 14.95 -9.69 -7.29
CA ASP A 664 15.22 -8.57 -6.37
C ASP A 664 14.11 -8.16 -5.40
N LEU A 665 12.97 -8.86 -5.42
CA LEU A 665 11.84 -8.46 -4.57
C LEU A 665 11.78 -9.00 -3.14
N ALA A 666 11.65 -8.10 -2.18
CA ALA A 666 11.50 -8.42 -0.76
C ALA A 666 10.16 -7.79 -0.27
N GLY A 667 9.41 -8.49 0.59
CA GLY A 667 8.13 -7.98 1.06
C GLY A 667 7.47 -8.75 2.19
N LYS A 668 6.25 -8.33 2.53
CA LYS A 668 5.49 -8.97 3.61
C LYS A 668 4.03 -8.55 3.62
N THR A 669 3.14 -9.55 3.51
CA THR A 669 1.68 -9.41 3.64
C THR A 669 1.34 -9.14 5.13
N GLY A 670 0.18 -8.57 5.36
CA GLY A 670 -0.35 -8.31 6.70
C GLY A 670 -1.85 -8.38 6.66
N THR A 671 -2.45 -9.14 7.60
CA THR A 671 -3.90 -9.29 7.73
C THR A 671 -4.24 -9.13 9.19
N THR A 672 -5.04 -8.12 9.51
CA THR A 672 -5.45 -7.92 10.89
C THR A 672 -6.61 -8.84 11.18
N ASN A 673 -6.89 -9.05 12.48
CA ASN A 673 -7.99 -9.83 13.02
C ASN A 673 -9.26 -9.55 12.23
N ASP A 674 -10.01 -10.61 11.90
CA ASP A 674 -11.27 -10.58 11.15
C ASP A 674 -11.16 -9.93 9.78
N SER A 675 -9.92 -9.88 9.21
CA SER A 675 -9.62 -9.27 7.90
C SER A 675 -10.10 -7.80 7.88
N LYS A 676 -9.91 -7.09 9.01
CA LYS A 676 -10.34 -5.70 9.15
C LYS A 676 -9.46 -4.71 8.37
N ASP A 677 -8.22 -5.16 8.01
CA ASP A 677 -7.13 -4.51 7.23
C ASP A 677 -6.35 -5.55 6.41
N GLY A 678 -5.91 -5.14 5.22
CA GLY A 678 -5.12 -5.95 4.30
C GLY A 678 -3.90 -5.18 3.84
N TRP A 679 -2.70 -5.68 4.12
CA TRP A 679 -1.50 -4.96 3.75
C TRP A 679 -0.53 -5.74 2.91
N PHE A 680 0.34 -4.98 2.25
CA PHE A 680 1.51 -5.44 1.53
C PHE A 680 2.55 -4.36 1.45
N SER A 681 3.71 -4.66 2.02
CA SER A 681 4.83 -3.74 2.00
C SER A 681 6.03 -4.48 1.51
N GLY A 682 6.68 -3.90 0.52
CA GLY A 682 7.83 -4.49 -0.14
C GLY A 682 8.63 -3.57 -1.04
N TYR A 683 9.75 -4.10 -1.54
CA TYR A 683 10.69 -3.34 -2.35
C TYR A 683 11.71 -4.20 -3.13
N ASN A 684 12.67 -3.48 -3.70
CA ASN A 684 13.93 -3.87 -4.32
C ASN A 684 14.75 -2.58 -4.01
N SER A 685 15.97 -2.44 -4.54
CA SER A 685 16.77 -1.25 -4.23
C SER A 685 16.33 0.02 -4.98
N ASP A 686 15.30 -0.12 -5.84
CA ASP A 686 14.73 0.95 -6.64
C ASP A 686 13.56 1.68 -5.95
N TYR A 687 12.53 0.94 -5.54
CA TYR A 687 11.37 1.56 -4.90
C TYR A 687 10.86 0.73 -3.74
N VAL A 688 10.21 1.41 -2.78
CA VAL A 688 9.56 0.84 -1.62
C VAL A 688 8.07 1.18 -1.77
N THR A 689 7.20 0.17 -1.79
CA THR A 689 5.78 0.40 -2.00
C THR A 689 4.98 -0.21 -0.88
N SER A 690 4.16 0.63 -0.24
CA SER A 690 3.31 0.19 0.85
C SER A 690 1.82 0.31 0.44
N VAL A 691 1.04 -0.84 0.52
CA VAL A 691 -0.37 -0.91 0.09
C VAL A 691 -1.34 -1.33 1.21
N TRP A 692 -2.27 -0.46 1.60
CA TRP A 692 -3.25 -0.78 2.61
C TRP A 692 -4.62 -0.91 1.93
N VAL A 693 -5.45 -1.85 2.40
CA VAL A 693 -6.84 -2.03 1.95
C VAL A 693 -7.74 -2.24 3.22
N GLY A 694 -8.93 -1.63 3.22
CA GLY A 694 -9.89 -1.77 4.30
C GLY A 694 -11.05 -0.78 4.27
N PHE A 695 -11.89 -0.85 5.29
CA PHE A 695 -13.02 0.06 5.46
C PHE A 695 -12.59 1.16 6.44
N ASP A 696 -13.04 2.44 6.23
CA ASP A 696 -12.68 3.52 7.15
C ASP A 696 -13.26 3.18 8.52
N GLN A 697 -14.58 2.89 8.58
CA GLN A 697 -15.18 2.38 9.81
C GLN A 697 -14.91 0.89 9.69
N PRO A 698 -14.02 0.30 10.54
CA PRO A 698 -13.65 -1.10 10.34
C PRO A 698 -14.79 -2.11 10.43
N GLU A 699 -14.69 -3.07 9.52
CA GLU A 699 -15.53 -4.21 9.25
C GLU A 699 -14.63 -5.21 8.51
N THR A 700 -15.00 -6.48 8.57
CA THR A 700 -14.32 -7.56 7.86
C THR A 700 -14.35 -7.29 6.35
N LEU A 701 -13.23 -7.56 5.65
CA LEU A 701 -13.26 -7.42 4.20
C LEU A 701 -13.88 -8.68 3.63
N GLY A 702 -14.05 -9.69 4.48
CA GLY A 702 -14.62 -10.99 4.16
C GLY A 702 -13.79 -12.15 4.67
N ARG A 703 -14.47 -13.27 4.97
CA ARG A 703 -13.90 -14.53 5.48
C ARG A 703 -12.69 -15.02 4.68
N ARG A 704 -12.82 -15.03 3.35
CA ARG A 704 -11.78 -15.48 2.43
C ARG A 704 -10.85 -14.35 1.94
N GLU A 705 -10.81 -13.21 2.66
CA GLU A 705 -9.99 -12.05 2.29
C GLU A 705 -8.75 -11.85 3.17
N TYR A 706 -7.57 -11.70 2.53
CA TYR A 706 -6.31 -11.49 3.26
C TYR A 706 -5.49 -10.40 2.56
N GLY A 707 -4.38 -9.99 3.19
CA GLY A 707 -3.50 -8.99 2.60
C GLY A 707 -3.09 -9.38 1.19
N GLY A 708 -2.85 -10.67 1.02
CA GLY A 708 -2.47 -11.27 -0.25
C GLY A 708 -3.55 -11.29 -1.31
N THR A 709 -4.83 -11.20 -0.90
CA THR A 709 -5.96 -11.26 -1.84
C THR A 709 -6.50 -9.87 -2.21
N VAL A 710 -6.15 -8.85 -1.41
CA VAL A 710 -6.62 -7.47 -1.60
C VAL A 710 -5.52 -6.48 -1.94
N ALA A 711 -4.46 -6.39 -1.08
CA ALA A 711 -3.36 -5.43 -1.18
C ALA A 711 -2.29 -5.88 -2.13
N LEU A 712 -1.72 -7.08 -1.88
CA LEU A 712 -0.67 -7.69 -2.70
C LEU A 712 -0.99 -7.63 -4.20
N PRO A 713 -2.23 -8.00 -4.66
CA PRO A 713 -2.57 -7.83 -6.10
C PRO A 713 -2.33 -6.38 -6.61
N ILE A 714 -2.83 -5.35 -5.87
CA ILE A 714 -2.61 -3.92 -6.17
C ILE A 714 -1.11 -3.67 -6.27
N TRP A 715 -0.35 -4.05 -5.22
CA TRP A 715 1.09 -3.86 -5.15
C TRP A 715 1.80 -4.43 -6.37
N ILE A 716 1.52 -5.73 -6.69
CA ILE A 716 2.08 -6.43 -7.85
C ILE A 716 1.83 -5.62 -9.11
N ARG A 717 0.55 -5.21 -9.38
CA ARG A 717 0.23 -4.41 -10.59
C ARG A 717 1.13 -3.17 -10.73
N TYR A 718 1.28 -2.39 -9.62
CA TYR A 718 2.10 -1.20 -9.58
C TYR A 718 3.61 -1.50 -9.76
N MET A 719 4.15 -2.44 -8.99
CA MET A 719 5.56 -2.80 -9.09
C MET A 719 5.91 -3.41 -10.46
N GLY A 720 4.91 -4.00 -11.10
CA GLY A 720 5.04 -4.55 -12.44
C GLY A 720 5.43 -3.48 -13.44
N PHE A 721 4.69 -2.37 -13.39
CA PHE A 721 4.89 -1.22 -14.24
C PHE A 721 6.14 -0.47 -13.83
N ALA A 722 6.28 -0.11 -12.54
CA ALA A 722 7.41 0.67 -12.05
C ALA A 722 8.73 0.03 -12.41
N LEU A 723 8.84 -1.29 -12.17
CA LEU A 723 10.06 -2.04 -12.46
C LEU A 723 10.06 -2.72 -13.87
N LYS A 724 9.28 -2.18 -14.84
CA LYS A 724 9.17 -2.77 -16.19
C LYS A 724 10.50 -2.84 -16.88
N ASP A 725 11.09 -1.69 -17.18
CA ASP A 725 12.36 -1.63 -17.90
C ASP A 725 13.57 -1.67 -16.97
N LYS A 726 13.34 -1.88 -15.67
CA LYS A 726 14.37 -1.90 -14.63
C LYS A 726 15.10 -3.26 -14.48
N PRO A 727 16.46 -3.31 -14.60
CA PRO A 727 17.17 -4.58 -14.33
C PRO A 727 17.10 -4.97 -12.85
N MET A 728 17.46 -6.23 -12.48
CA MET A 728 17.38 -6.63 -11.06
C MET A 728 18.29 -5.73 -10.21
N HIS A 729 17.74 -5.22 -9.11
CA HIS A 729 18.48 -4.31 -8.23
C HIS A 729 18.22 -4.61 -6.77
N THR A 730 19.05 -5.50 -6.17
CA THR A 730 19.06 -5.87 -4.74
C THR A 730 20.35 -5.39 -4.09
N MET A 731 20.35 -5.28 -2.76
CA MET A 731 21.48 -4.85 -1.95
C MET A 731 22.66 -5.75 -2.16
N ALA A 732 23.81 -5.13 -2.44
CA ALA A 732 25.10 -5.79 -2.59
C ALA A 732 25.63 -6.25 -1.21
N GLU A 733 26.08 -7.53 -1.13
CA GLU A 733 26.63 -8.12 0.10
C GLU A 733 27.71 -7.25 0.77
N PRO A 734 27.40 -6.67 1.95
CA PRO A 734 28.39 -5.83 2.64
C PRO A 734 29.54 -6.64 3.28
N PRO A 735 30.67 -6.00 3.65
CA PRO A 735 31.74 -6.75 4.33
C PRO A 735 31.30 -7.29 5.69
N GLY A 736 31.75 -8.49 6.03
CA GLY A 736 31.47 -9.07 7.34
C GLY A 736 30.39 -10.13 7.46
N ILE A 737 30.01 -10.78 6.33
CA ILE A 737 29.00 -11.87 6.32
C ILE A 737 29.66 -13.24 6.06
N VAL A 738 29.12 -14.32 6.68
CA VAL A 738 29.64 -15.68 6.55
C VAL A 738 28.56 -16.73 6.34
N SER A 739 28.67 -17.53 5.26
CA SER A 739 27.71 -18.59 4.98
C SER A 739 28.22 -19.96 5.48
N LEU A 740 27.61 -20.47 6.57
CA LEU A 740 28.00 -21.76 7.15
C LEU A 740 26.89 -22.81 7.22
N ARG A 741 27.28 -24.12 7.05
CA ARG A 741 26.38 -25.29 7.09
C ARG A 741 25.83 -25.43 8.50
N ILE A 742 24.49 -25.56 8.65
CA ILE A 742 23.84 -25.66 9.97
C ILE A 742 23.03 -26.94 10.08
N ASP A 743 23.08 -27.62 11.27
CA ASP A 743 22.25 -28.81 11.60
C ASP A 743 20.82 -28.24 11.87
N PRO A 744 19.83 -28.59 11.00
CA PRO A 744 18.46 -28.04 11.16
C PRO A 744 17.81 -28.33 12.50
N VAL A 745 18.36 -29.32 13.21
CA VAL A 745 17.91 -29.84 14.48
C VAL A 745 18.52 -29.11 15.67
N THR A 746 19.77 -28.63 15.53
CA THR A 746 20.48 -27.94 16.61
C THR A 746 20.60 -26.42 16.38
N GLY A 747 20.44 -26.01 15.13
CA GLY A 747 20.57 -24.60 14.76
C GLY A 747 22.01 -24.12 14.76
N ARG A 748 22.93 -24.98 15.21
CA ARG A 748 24.37 -24.72 15.31
C ARG A 748 25.13 -25.40 14.14
N SER A 749 26.44 -25.06 13.95
CA SER A 749 27.30 -25.60 12.89
C SER A 749 27.20 -27.11 12.76
N ALA A 750 26.96 -27.58 11.52
CA ALA A 750 26.78 -29.00 11.22
C ALA A 750 28.07 -29.68 10.87
N ALA A 751 28.31 -30.81 11.55
CA ALA A 751 29.46 -31.63 11.29
C ALA A 751 29.28 -32.26 9.91
N PRO A 752 30.34 -32.63 9.17
CA PRO A 752 30.13 -33.35 7.91
C PRO A 752 29.29 -34.60 8.13
N GLY A 753 28.47 -34.95 7.15
CA GLY A 753 27.60 -36.10 7.25
C GLY A 753 26.33 -35.80 8.02
N THR A 754 26.07 -34.49 8.29
CA THR A 754 24.82 -34.14 8.96
C THR A 754 23.73 -34.12 7.92
N PRO A 755 22.70 -34.98 8.17
CA PRO A 755 21.53 -35.01 7.29
C PRO A 755 20.77 -33.71 7.50
N GLY A 756 20.29 -33.16 6.41
CA GLY A 756 19.51 -31.92 6.47
C GLY A 756 20.30 -30.63 6.62
N ALA A 757 21.65 -30.70 6.77
CA ALA A 757 22.51 -29.51 6.89
C ALA A 757 22.23 -28.53 5.74
N TYR A 758 22.16 -27.23 6.06
CA TYR A 758 21.85 -26.19 5.06
C TYR A 758 22.72 -25.00 5.32
N PHE A 759 22.93 -24.12 4.32
CA PHE A 759 23.78 -22.93 4.52
C PHE A 759 22.96 -21.75 4.96
N GLU A 760 23.58 -20.88 5.78
CA GLU A 760 22.94 -19.68 6.29
C GLU A 760 23.98 -18.59 6.50
N MET A 761 23.57 -17.35 6.24
CA MET A 761 24.39 -16.17 6.41
C MET A 761 24.37 -15.67 7.86
N PHE A 762 25.55 -15.18 8.29
CA PHE A 762 25.79 -14.66 9.64
C PHE A 762 26.75 -13.49 9.69
N LYS A 763 26.56 -12.61 10.67
CA LYS A 763 27.48 -11.52 10.99
C LYS A 763 28.59 -12.24 11.81
N ASN A 764 29.90 -12.03 11.49
CA ASN A 764 31.03 -12.66 12.21
C ASN A 764 30.82 -12.55 13.73
N GLU A 765 30.37 -13.68 14.31
CA GLU A 765 29.93 -13.95 15.69
C GLU A 765 30.47 -13.01 16.78
#